data_2G9P
#
_entry.id   2G9P
#
_cell.length_a   1.000
_cell.length_b   1.000
_cell.length_c   1.000
_cell.angle_alpha   90.00
_cell.angle_beta   90.00
_cell.angle_gamma   90.00
#
_symmetry.space_group_name_H-M   'P 1'
#
_entity_poly.entity_id   1
_entity_poly.type   'polypeptide(L)'
_entity_poly.pdbx_seq_one_letter_code
;GLFGKLIKKFGRKAISYAVKKARGKH
;
_entity_poly.pdbx_strand_id   A
#
# COMPACT_ATOMS: atom_id res chain seq x y z
N GLY A 1 -12.13 -9.64 -5.23
CA GLY A 1 -11.85 -8.51 -6.10
C GLY A 1 -10.40 -8.55 -6.58
N LEU A 2 -10.15 -7.82 -7.65
CA LEU A 2 -8.81 -7.78 -8.24
C LEU A 2 -7.87 -7.02 -7.30
N PHE A 3 -8.44 -6.06 -6.59
CA PHE A 3 -7.67 -5.28 -5.65
C PHE A 3 -6.99 -6.18 -4.62
N GLY A 4 -7.70 -7.22 -4.22
CA GLY A 4 -7.17 -8.16 -3.23
C GLY A 4 -5.91 -8.84 -3.74
N LYS A 5 -5.93 -9.17 -5.03
CA LYS A 5 -4.82 -9.86 -5.64
C LYS A 5 -3.64 -8.89 -5.79
N LEU A 6 -3.93 -7.75 -6.40
CA LEU A 6 -2.94 -6.70 -6.53
C LEU A 6 -2.23 -6.51 -5.20
N ILE A 7 -3.02 -6.40 -4.15
CA ILE A 7 -2.49 -6.08 -2.83
C ILE A 7 -1.62 -7.24 -2.34
N LYS A 8 -2.17 -8.44 -2.47
CA LYS A 8 -1.42 -9.65 -2.16
C LYS A 8 -0.02 -9.54 -2.80
N LYS A 9 -0.02 -9.16 -4.07
CA LYS A 9 1.20 -9.21 -4.86
C LYS A 9 2.22 -8.23 -4.29
N PHE A 10 1.71 -7.08 -3.86
CA PHE A 10 2.56 -6.05 -3.29
C PHE A 10 3.01 -6.43 -1.87
N GLY A 11 2.13 -7.14 -1.18
CA GLY A 11 2.34 -7.42 0.23
C GLY A 11 1.98 -6.21 1.09
N ARG A 12 0.91 -5.53 0.69
CA ARG A 12 0.44 -4.37 1.42
C ARG A 12 1.55 -3.30 1.48
N LYS A 13 2.38 -3.30 0.46
CA LYS A 13 3.39 -2.27 0.31
C LYS A 13 2.72 -0.96 -0.15
N ALA A 14 1.63 -1.12 -0.87
CA ALA A 14 0.84 0.02 -1.30
C ALA A 14 0.26 0.73 -0.08
N ILE A 15 -0.22 -0.07 0.86
CA ILE A 15 -0.80 0.46 2.08
C ILE A 15 0.31 1.08 2.94
N SER A 16 1.43 0.37 3.01
CA SER A 16 2.54 0.83 3.81
C SER A 16 3.02 2.20 3.31
N TYR A 17 3.08 2.32 2.00
CA TYR A 17 3.57 3.55 1.38
C TYR A 17 2.55 4.67 1.53
N ALA A 18 1.28 4.29 1.50
CA ALA A 18 0.20 5.25 1.64
C ALA A 18 0.25 5.85 3.04
N VAL A 19 0.44 4.98 4.03
CA VAL A 19 0.47 5.41 5.41
C VAL A 19 1.74 6.21 5.66
N LYS A 20 2.84 5.72 5.12
CA LYS A 20 4.13 6.37 5.29
C LYS A 20 4.05 7.79 4.71
N LYS A 21 3.47 7.88 3.53
CA LYS A 21 3.33 9.16 2.86
C LYS A 21 2.45 10.08 3.70
N ALA A 22 1.38 9.50 4.23
CA ALA A 22 0.35 10.29 4.89
C ALA A 22 0.73 10.51 6.35
N ARG A 23 1.93 10.03 6.69
CA ARG A 23 2.53 10.38 7.97
C ARG A 23 3.99 10.82 7.77
N GLY A 24 4.26 11.33 6.57
CA GLY A 24 5.62 11.71 6.21
C GLY A 24 5.74 11.92 4.70
N LYS A 25 5.31 13.08 4.26
CA LYS A 25 5.33 13.41 2.85
C LYS A 25 6.78 13.57 2.38
N HIS A 26 7.52 14.34 3.15
CA HIS A 26 8.90 14.66 2.78
C HIS A 26 9.66 15.13 4.02
N GLY A 1 -12.11 -9.25 -5.12
CA GLY A 1 -11.82 -8.26 -6.15
C GLY A 1 -10.38 -8.36 -6.63
N LEU A 2 -10.11 -7.67 -7.74
CA LEU A 2 -8.77 -7.69 -8.31
C LEU A 2 -7.81 -6.96 -7.38
N PHE A 3 -8.35 -5.95 -6.70
CA PHE A 3 -7.56 -5.17 -5.75
C PHE A 3 -6.93 -6.08 -4.70
N GLY A 4 -7.69 -7.08 -4.28
CA GLY A 4 -7.22 -8.01 -3.27
C GLY A 4 -5.98 -8.77 -3.75
N LYS A 5 -6.00 -9.12 -5.03
CA LYS A 5 -4.90 -9.87 -5.61
C LYS A 5 -3.69 -8.96 -5.77
N LEU A 6 -3.92 -7.81 -6.40
CA LEU A 6 -2.88 -6.81 -6.53
C LEU A 6 -2.18 -6.61 -5.19
N ILE A 7 -2.99 -6.46 -4.15
CA ILE A 7 -2.48 -6.13 -2.84
C ILE A 7 -1.66 -7.30 -2.31
N LYS A 8 -2.25 -8.49 -2.42
CA LYS A 8 -1.53 -9.71 -2.09
C LYS A 8 -0.12 -9.66 -2.69
N LYS A 9 -0.08 -9.31 -3.97
CA LYS A 9 1.16 -9.42 -4.73
C LYS A 9 2.18 -8.43 -4.18
N PHE A 10 1.68 -7.26 -3.80
CA PHE A 10 2.53 -6.22 -3.24
C PHE A 10 2.97 -6.58 -1.81
N GLY A 11 2.08 -7.26 -1.12
CA GLY A 11 2.27 -7.53 0.30
C GLY A 11 1.92 -6.29 1.14
N ARG A 12 0.86 -5.61 0.72
CA ARG A 12 0.40 -4.43 1.42
C ARG A 12 1.51 -3.38 1.48
N LYS A 13 2.35 -3.39 0.45
CA LYS A 13 3.38 -2.38 0.31
C LYS A 13 2.73 -1.07 -0.16
N ALA A 14 1.65 -1.21 -0.91
CA ALA A 14 0.90 -0.05 -1.36
C ALA A 14 0.31 0.67 -0.14
N ILE A 15 -0.20 -0.12 0.79
CA ILE A 15 -0.81 0.43 1.99
C ILE A 15 0.28 1.05 2.87
N SER A 16 1.39 0.32 2.98
CA SER A 16 2.50 0.77 3.80
C SER A 16 3.02 2.12 3.30
N TYR A 17 3.10 2.23 1.99
CA TYR A 17 3.60 3.44 1.36
C TYR A 17 2.61 4.59 1.52
N ALA A 18 1.33 4.23 1.48
CA ALA A 18 0.27 5.22 1.63
C ALA A 18 0.33 5.81 3.03
N VAL A 19 0.52 4.93 4.01
CA VAL A 19 0.56 5.34 5.39
C VAL A 19 1.85 6.14 5.66
N LYS A 20 2.94 5.63 5.08
CA LYS A 20 4.23 6.27 5.27
C LYS A 20 4.19 7.67 4.68
N LYS A 21 3.56 7.78 3.51
CA LYS A 21 3.43 9.07 2.85
C LYS A 21 2.57 9.98 3.72
N ALA A 22 1.50 9.41 4.27
CA ALA A 22 0.52 10.20 4.98
C ALA A 22 0.95 10.39 6.43
N ARG A 23 2.16 9.91 6.72
CA ARG A 23 2.83 10.24 7.96
C ARG A 23 4.24 10.77 7.68
N GLY A 24 4.41 11.32 6.48
CA GLY A 24 5.70 11.81 6.06
C GLY A 24 5.71 12.15 4.57
N LYS A 25 5.12 13.28 4.25
CA LYS A 25 5.02 13.73 2.87
C LYS A 25 6.40 14.16 2.38
N HIS A 26 7.11 14.87 3.25
CA HIS A 26 8.45 15.35 2.92
C HIS A 26 9.23 15.59 4.21
N GLY A 1 -11.97 -9.29 -4.90
CA GLY A 1 -11.76 -8.36 -5.99
C GLY A 1 -10.32 -8.42 -6.49
N LEU A 2 -10.08 -7.75 -7.61
CA LEU A 2 -8.75 -7.73 -8.20
C LEU A 2 -7.80 -6.97 -7.29
N PHE A 3 -8.35 -5.98 -6.60
CA PHE A 3 -7.56 -5.19 -5.66
C PHE A 3 -6.88 -6.08 -4.63
N GLY A 4 -7.61 -7.11 -4.20
CA GLY A 4 -7.11 -8.02 -3.20
C GLY A 4 -5.87 -8.75 -3.70
N LYS A 5 -5.89 -9.10 -4.98
CA LYS A 5 -4.78 -9.83 -5.58
C LYS A 5 -3.60 -8.88 -5.75
N LEU A 6 -3.86 -7.75 -6.38
CA LEU A 6 -2.86 -6.72 -6.53
C LEU A 6 -2.14 -6.51 -5.20
N ILE A 7 -2.93 -6.38 -4.15
CA ILE A 7 -2.40 -6.05 -2.84
C ILE A 7 -1.54 -7.21 -2.33
N LYS A 8 -2.11 -8.40 -2.45
CA LYS A 8 -1.36 -9.61 -2.13
C LYS A 8 0.04 -9.52 -2.77
N LYS A 9 0.05 -9.16 -4.04
CA LYS A 9 1.27 -9.23 -4.83
C LYS A 9 2.28 -8.22 -4.29
N PHE A 10 1.77 -7.07 -3.90
CA PHE A 10 2.61 -6.02 -3.34
C PHE A 10 3.07 -6.37 -1.94
N GLY A 11 2.21 -7.08 -1.22
CA GLY A 11 2.45 -7.36 0.18
C GLY A 11 2.09 -6.15 1.05
N ARG A 12 1.01 -5.49 0.65
CA ARG A 12 0.53 -4.32 1.38
C ARG A 12 1.62 -3.25 1.43
N LYS A 13 2.43 -3.22 0.38
CA LYS A 13 3.42 -2.17 0.23
C LYS A 13 2.73 -0.88 -0.20
N ALA A 14 1.62 -1.04 -0.92
CA ALA A 14 0.83 0.09 -1.34
C ALA A 14 0.24 0.78 -0.10
N ILE A 15 -0.21 -0.05 0.83
CA ILE A 15 -0.81 0.46 2.06
C ILE A 15 0.29 1.11 2.92
N SER A 16 1.42 0.42 2.98
CA SER A 16 2.53 0.90 3.78
C SER A 16 3.00 2.28 3.28
N TYR A 17 3.01 2.40 1.96
CA TYR A 17 3.45 3.64 1.34
C TYR A 17 2.40 4.75 1.54
N ALA A 18 1.15 4.34 1.54
CA ALA A 18 0.06 5.28 1.74
C ALA A 18 0.13 5.85 3.16
N VAL A 19 0.38 4.97 4.10
CA VAL A 19 0.44 5.36 5.50
C VAL A 19 1.69 6.21 5.73
N LYS A 20 2.80 5.76 5.14
CA LYS A 20 4.05 6.48 5.24
C LYS A 20 3.88 7.89 4.71
N LYS A 21 3.27 7.98 3.53
CA LYS A 21 3.05 9.26 2.88
C LYS A 21 2.20 10.15 3.80
N ALA A 22 1.19 9.52 4.40
CA ALA A 22 0.18 10.27 5.13
C ALA A 22 0.65 10.48 6.57
N ARG A 23 1.88 10.07 6.83
CA ARG A 23 2.53 10.39 8.09
C ARG A 23 3.94 10.92 7.83
N GLY A 24 4.15 11.42 6.63
CA GLY A 24 5.46 11.88 6.21
C GLY A 24 5.59 11.88 4.68
N LYS A 25 5.27 13.01 4.09
CA LYS A 25 5.25 13.12 2.65
C LYS A 25 6.69 13.04 2.12
N HIS A 26 7.58 13.70 2.84
CA HIS A 26 8.98 13.73 2.44
C HIS A 26 9.87 13.61 3.68
N GLY A 1 -12.09 -9.16 -4.93
CA GLY A 1 -11.83 -8.17 -5.97
C GLY A 1 -10.38 -8.27 -6.47
N LEU A 2 -10.13 -7.59 -7.58
CA LEU A 2 -8.80 -7.60 -8.17
C LEU A 2 -7.83 -6.87 -7.25
N PHE A 3 -8.36 -5.87 -6.55
CA PHE A 3 -7.55 -5.11 -5.62
C PHE A 3 -6.89 -6.03 -4.59
N GLY A 4 -7.64 -7.04 -4.17
CA GLY A 4 -7.14 -7.97 -3.18
C GLY A 4 -5.91 -8.71 -3.69
N LYS A 5 -5.95 -9.05 -4.98
CA LYS A 5 -4.85 -9.78 -5.59
C LYS A 5 -3.65 -8.85 -5.77
N LEU A 6 -3.92 -7.72 -6.38
CA LEU A 6 -2.88 -6.69 -6.53
C LEU A 6 -2.16 -6.51 -5.19
N ILE A 7 -2.95 -6.38 -4.14
CA ILE A 7 -2.40 -6.07 -2.84
C ILE A 7 -1.56 -7.25 -2.34
N LYS A 8 -2.14 -8.44 -2.46
CA LYS A 8 -1.42 -9.66 -2.15
C LYS A 8 -0.02 -9.58 -2.78
N LYS A 9 0.00 -9.20 -4.05
CA LYS A 9 1.22 -9.28 -4.84
C LYS A 9 2.26 -8.30 -4.26
N PHE A 10 1.76 -7.14 -3.86
CA PHE A 10 2.62 -6.12 -3.30
C PHE A 10 3.06 -6.49 -1.89
N GLY A 11 2.19 -7.20 -1.18
CA GLY A 11 2.40 -7.48 0.22
C GLY A 11 2.05 -6.27 1.08
N ARG A 12 1.00 -5.58 0.69
CA ARG A 12 0.54 -4.41 1.43
C ARG A 12 1.64 -3.36 1.49
N LYS A 13 2.47 -3.35 0.45
CA LYS A 13 3.47 -2.31 0.30
C LYS A 13 2.81 -1.01 -0.14
N ALA A 14 1.72 -1.17 -0.89
CA ALA A 14 0.94 -0.03 -1.32
C ALA A 14 0.34 0.68 -0.10
N ILE A 15 -0.14 -0.14 0.83
CA ILE A 15 -0.75 0.40 2.04
C ILE A 15 0.34 1.04 2.90
N SER A 16 1.46 0.34 3.00
CA SER A 16 2.56 0.81 3.83
C SER A 16 3.05 2.17 3.33
N TYR A 17 3.12 2.28 2.01
CA TYR A 17 3.61 3.51 1.39
C TYR A 17 2.58 4.63 1.53
N ALA A 18 1.31 4.24 1.47
CA ALA A 18 0.22 5.19 1.60
C ALA A 18 0.25 5.80 3.01
N VAL A 19 0.46 4.93 3.99
CA VAL A 19 0.47 5.35 5.38
C VAL A 19 1.72 6.19 5.64
N LYS A 20 2.83 5.71 5.10
CA LYS A 20 4.11 6.39 5.26
C LYS A 20 4.00 7.81 4.68
N LYS A 21 3.41 7.88 3.50
CA LYS A 21 3.25 9.15 2.81
C LYS A 21 2.35 10.06 3.65
N ALA A 22 1.29 9.46 4.18
CA ALA A 22 0.25 10.24 4.85
C ALA A 22 0.63 10.45 6.31
N ARG A 23 1.83 10.00 6.65
CA ARG A 23 2.43 10.36 7.92
C ARG A 23 3.87 10.82 7.72
N GLY A 24 4.14 11.32 6.51
CA GLY A 24 5.49 11.71 6.14
C GLY A 24 5.61 11.92 4.64
N LYS A 25 5.12 13.07 4.19
CA LYS A 25 5.11 13.37 2.76
C LYS A 25 6.55 13.55 2.27
N HIS A 26 7.31 14.28 3.06
CA HIS A 26 8.74 14.44 2.78
C HIS A 26 9.53 14.42 4.08
N GLY A 1 -11.93 -10.02 -4.95
CA GLY A 1 -11.77 -8.89 -5.85
C GLY A 1 -10.34 -8.82 -6.39
N LEU A 2 -10.18 -8.01 -7.43
CA LEU A 2 -8.87 -7.86 -8.06
C LEU A 2 -7.94 -7.12 -7.09
N PHE A 3 -8.53 -6.24 -6.30
CA PHE A 3 -7.78 -5.49 -5.31
C PHE A 3 -7.01 -6.43 -4.38
N GLY A 4 -7.65 -7.54 -4.05
CA GLY A 4 -7.05 -8.52 -3.16
C GLY A 4 -5.76 -9.09 -3.77
N LYS A 5 -5.80 -9.29 -5.08
CA LYS A 5 -4.67 -9.87 -5.78
C LYS A 5 -3.56 -8.82 -5.89
N LEU A 6 -3.94 -7.65 -6.38
CA LEU A 6 -3.01 -6.53 -6.45
C LEU A 6 -2.27 -6.41 -5.11
N ILE A 7 -3.05 -6.44 -4.04
CA ILE A 7 -2.48 -6.23 -2.72
C ILE A 7 -1.52 -7.37 -2.39
N LYS A 8 -1.99 -8.59 -2.61
CA LYS A 8 -1.15 -9.75 -2.43
C LYS A 8 0.21 -9.51 -3.08
N LYS A 9 0.16 -9.02 -4.32
CA LYS A 9 1.36 -8.92 -5.14
C LYS A 9 2.34 -7.94 -4.50
N PHE A 10 1.78 -6.86 -3.99
CA PHE A 10 2.59 -5.82 -3.35
C PHE A 10 3.04 -6.25 -1.96
N GLY A 11 2.21 -7.09 -1.33
CA GLY A 11 2.40 -7.41 0.07
C GLY A 11 1.88 -6.30 0.98
N ARG A 12 0.84 -5.62 0.49
CA ARG A 12 0.25 -4.53 1.23
C ARG A 12 1.27 -3.39 1.41
N LYS A 13 2.21 -3.33 0.48
CA LYS A 13 3.18 -2.25 0.48
C LYS A 13 2.52 -0.97 -0.02
N ALA A 14 1.49 -1.15 -0.83
CA ALA A 14 0.80 -0.02 -1.42
C ALA A 14 0.17 0.83 -0.31
N ILE A 15 -0.42 0.14 0.65
CA ILE A 15 -1.10 0.82 1.74
C ILE A 15 -0.06 1.36 2.73
N SER A 16 0.98 0.58 2.94
CA SER A 16 2.03 0.96 3.85
C SER A 16 2.68 2.27 3.38
N TYR A 17 2.86 2.37 2.08
CA TYR A 17 3.47 3.54 1.49
C TYR A 17 2.53 4.75 1.54
N ALA A 18 1.25 4.45 1.41
CA ALA A 18 0.23 5.48 1.46
C ALA A 18 0.20 6.10 2.86
N VAL A 19 0.28 5.23 3.85
CA VAL A 19 0.22 5.68 5.23
C VAL A 19 1.52 6.39 5.59
N LYS A 20 2.62 5.82 5.12
CA LYS A 20 3.93 6.40 5.38
C LYS A 20 3.98 7.81 4.79
N LYS A 21 3.49 7.91 3.56
CA LYS A 21 3.46 9.20 2.87
C LYS A 21 2.60 10.18 3.66
N ALA A 22 1.47 9.68 4.14
CA ALA A 22 0.46 10.53 4.75
C ALA A 22 0.78 10.74 6.23
N ARG A 23 1.93 10.20 6.63
CA ARG A 23 2.49 10.50 7.93
C ARG A 23 3.96 10.89 7.81
N GLY A 24 4.31 11.36 6.62
CA GLY A 24 5.70 11.68 6.32
C GLY A 24 5.92 11.86 4.82
N LYS A 25 5.59 13.06 4.35
CA LYS A 25 5.69 13.35 2.93
C LYS A 25 7.16 13.45 2.54
N HIS A 26 7.95 14.04 3.43
CA HIS A 26 9.36 14.25 3.16
C HIS A 26 10.13 14.28 4.48
N GLY A 1 -13.35 -10.82 -5.91
CA GLY A 1 -12.29 -10.02 -5.31
C GLY A 1 -11.18 -9.74 -6.32
N LEU A 2 -10.35 -8.77 -5.98
CA LEU A 2 -9.27 -8.34 -6.87
C LEU A 2 -8.23 -7.56 -6.08
N PHE A 3 -8.71 -6.52 -5.41
CA PHE A 3 -7.82 -5.63 -4.69
C PHE A 3 -6.99 -6.39 -3.66
N GLY A 4 -7.63 -7.39 -3.06
CA GLY A 4 -6.96 -8.22 -2.07
C GLY A 4 -5.73 -8.90 -2.66
N LYS A 5 -5.90 -9.38 -3.89
CA LYS A 5 -4.82 -10.10 -4.57
C LYS A 5 -3.74 -9.12 -4.98
N LEU A 6 -4.16 -8.05 -5.65
CA LEU A 6 -3.25 -6.99 -6.03
C LEU A 6 -2.36 -6.64 -4.83
N ILE A 7 -3.00 -6.46 -3.68
CA ILE A 7 -2.32 -5.99 -2.50
C ILE A 7 -1.34 -7.07 -2.02
N LYS A 8 -1.84 -8.29 -1.97
CA LYS A 8 -0.99 -9.43 -1.67
C LYS A 8 0.29 -9.34 -2.49
N LYS A 9 0.12 -9.09 -3.78
CA LYS A 9 1.23 -9.16 -4.73
C LYS A 9 2.25 -8.07 -4.39
N PHE A 10 1.73 -6.90 -4.02
CA PHE A 10 2.57 -5.77 -3.70
C PHE A 10 3.22 -5.96 -2.32
N GLY A 11 2.51 -6.66 -1.45
CA GLY A 11 2.92 -6.76 -0.06
C GLY A 11 2.59 -5.48 0.71
N ARG A 12 1.44 -4.91 0.39
CA ARG A 12 0.97 -3.71 1.06
C ARG A 12 1.99 -2.58 0.87
N LYS A 13 2.70 -2.64 -0.26
CA LYS A 13 3.61 -1.57 -0.62
C LYS A 13 2.81 -0.37 -1.13
N ALA A 14 1.65 -0.67 -1.70
CA ALA A 14 0.76 0.37 -2.18
C ALA A 14 0.27 1.21 -0.99
N ILE A 15 -0.05 0.51 0.09
CA ILE A 15 -0.53 1.16 1.29
C ILE A 15 0.62 1.95 1.94
N SER A 16 1.78 1.30 1.99
CA SER A 16 2.95 1.91 2.61
C SER A 16 3.30 3.22 1.89
N TYR A 17 3.21 3.17 0.57
CA TYR A 17 3.54 4.34 -0.24
C TYR A 17 2.49 5.44 -0.08
N ALA A 18 1.24 5.00 0.09
CA ALA A 18 0.14 5.93 0.27
C ALA A 18 0.31 6.68 1.58
N VAL A 19 0.72 5.93 2.60
CA VAL A 19 0.89 6.50 3.93
C VAL A 19 2.11 7.42 3.93
N LYS A 20 3.17 6.94 3.30
CA LYS A 20 4.40 7.71 3.22
C LYS A 20 4.13 9.03 2.48
N LYS A 21 3.37 8.91 1.41
CA LYS A 21 3.04 10.06 0.58
C LYS A 21 2.25 11.06 1.42
N ALA A 22 1.28 10.55 2.16
CA ALA A 22 0.29 11.39 2.81
C ALA A 22 0.73 11.67 4.25
N ARG A 23 1.92 11.19 4.57
CA ARG A 23 2.47 11.38 5.91
C ARG A 23 3.94 10.95 5.94
N GLY A 24 4.80 11.91 5.62
CA GLY A 24 6.23 11.63 5.54
C GLY A 24 6.82 11.45 6.94
N LYS A 25 6.03 11.84 7.94
CA LYS A 25 6.44 11.66 9.33
C LYS A 25 6.50 10.17 9.64
N HIS A 26 5.69 9.40 8.92
CA HIS A 26 5.60 7.97 9.15
C HIS A 26 6.87 7.29 8.64
N GLY A 1 -13.32 -10.89 -5.94
CA GLY A 1 -12.30 -10.05 -5.35
C GLY A 1 -11.19 -9.76 -6.36
N LEU A 2 -10.34 -8.80 -6.01
CA LEU A 2 -9.28 -8.36 -6.91
C LEU A 2 -8.23 -7.58 -6.10
N PHE A 3 -8.71 -6.53 -5.45
CA PHE A 3 -7.81 -5.63 -4.74
C PHE A 3 -6.99 -6.39 -3.69
N GLY A 4 -7.63 -7.38 -3.09
CA GLY A 4 -6.97 -8.21 -2.09
C GLY A 4 -5.74 -8.90 -2.67
N LYS A 5 -5.89 -9.37 -3.90
CA LYS A 5 -4.84 -10.10 -4.56
C LYS A 5 -3.74 -9.13 -4.98
N LEU A 6 -4.16 -8.06 -5.65
CA LEU A 6 -3.24 -7.00 -6.04
C LEU A 6 -2.37 -6.64 -4.84
N ILE A 7 -3.01 -6.45 -3.70
CA ILE A 7 -2.32 -5.96 -2.52
C ILE A 7 -1.36 -7.03 -2.02
N LYS A 8 -1.86 -8.25 -1.94
CA LYS A 8 -1.02 -9.39 -1.62
C LYS A 8 0.27 -9.32 -2.44
N LYS A 9 0.10 -9.09 -3.74
CA LYS A 9 1.21 -9.19 -4.67
C LYS A 9 2.23 -8.09 -4.36
N PHE A 10 1.71 -6.92 -4.01
CA PHE A 10 2.56 -5.78 -3.69
C PHE A 10 3.22 -5.96 -2.32
N GLY A 11 2.50 -6.64 -1.44
CA GLY A 11 2.93 -6.74 -0.05
C GLY A 11 2.62 -5.45 0.72
N ARG A 12 1.46 -4.88 0.40
CA ARG A 12 1.03 -3.67 1.07
C ARG A 12 2.05 -2.54 0.85
N LYS A 13 2.72 -2.61 -0.29
CA LYS A 13 3.63 -1.55 -0.69
C LYS A 13 2.82 -0.35 -1.18
N ALA A 14 1.65 -0.65 -1.72
CA ALA A 14 0.75 0.41 -2.17
C ALA A 14 0.28 1.20 -0.95
N ILE A 15 -0.03 0.49 0.12
CA ILE A 15 -0.49 1.12 1.34
C ILE A 15 0.66 1.91 1.97
N SER A 16 1.83 1.28 1.98
CA SER A 16 3.00 1.91 2.57
C SER A 16 3.31 3.22 1.86
N TYR A 17 3.20 3.18 0.54
CA TYR A 17 3.50 4.36 -0.27
C TYR A 17 2.43 5.44 -0.08
N ALA A 18 1.20 4.99 0.11
CA ALA A 18 0.09 5.89 0.33
C ALA A 18 0.29 6.64 1.64
N VAL A 19 0.71 5.90 2.65
CA VAL A 19 0.90 6.46 3.97
C VAL A 19 2.11 7.40 3.95
N LYS A 20 3.17 6.94 3.31
CA LYS A 20 4.38 7.73 3.20
C LYS A 20 4.08 9.04 2.48
N LYS A 21 3.29 8.91 1.41
CA LYS A 21 2.94 10.07 0.61
C LYS A 21 2.16 11.06 1.46
N ALA A 22 1.21 10.52 2.21
CA ALA A 22 0.22 11.35 2.89
C ALA A 22 0.70 11.63 4.33
N ARG A 23 1.90 11.17 4.61
CA ARG A 23 2.48 11.36 5.93
C ARG A 23 3.96 10.96 5.93
N GLY A 24 4.80 11.94 5.61
CA GLY A 24 6.23 11.68 5.50
C GLY A 24 6.85 11.50 6.89
N LYS A 25 6.07 11.84 7.90
CA LYS A 25 6.51 11.67 9.28
C LYS A 25 6.57 10.18 9.61
N HIS A 26 5.78 9.40 8.87
CA HIS A 26 5.71 7.98 9.10
C HIS A 26 6.98 7.31 8.58
N GLY A 1 -10.28 -6.31 -9.88
CA GLY A 1 -9.58 -7.44 -9.30
C GLY A 1 -10.09 -7.75 -7.90
N LEU A 2 -9.61 -8.86 -7.35
CA LEU A 2 -10.01 -9.28 -6.02
C LEU A 2 -9.07 -8.68 -4.99
N PHE A 3 -9.59 -8.49 -3.78
CA PHE A 3 -8.80 -7.93 -2.70
C PHE A 3 -7.63 -8.85 -2.36
N GLY A 4 -7.89 -10.15 -2.40
CA GLY A 4 -6.88 -11.13 -2.09
C GLY A 4 -5.69 -11.05 -3.06
N LYS A 5 -6.03 -10.84 -4.32
CA LYS A 5 -5.02 -10.77 -5.37
C LYS A 5 -4.25 -9.46 -5.24
N LEU A 6 -5.00 -8.38 -5.16
CA LEU A 6 -4.42 -7.07 -4.91
C LEU A 6 -3.38 -7.18 -3.79
N ILE A 7 -3.80 -7.80 -2.70
CA ILE A 7 -2.97 -7.84 -1.50
C ILE A 7 -1.74 -8.70 -1.77
N LYS A 8 -1.97 -9.83 -2.41
CA LYS A 8 -0.87 -10.69 -2.83
C LYS A 8 0.22 -9.84 -3.47
N LYS A 9 -0.21 -8.98 -4.38
CA LYS A 9 0.73 -8.21 -5.19
C LYS A 9 1.22 -7.01 -4.39
N PHE A 10 0.34 -6.50 -3.55
CA PHE A 10 0.59 -5.23 -2.89
C PHE A 10 0.17 -5.28 -1.41
N GLY A 11 0.87 -6.12 -0.67
CA GLY A 11 0.69 -6.16 0.78
C GLY A 11 1.07 -4.83 1.42
N ARG A 12 0.11 -3.91 1.39
CA ARG A 12 0.31 -2.60 2.00
C ARG A 12 1.50 -1.89 1.34
N LYS A 13 1.76 -2.26 0.10
CA LYS A 13 2.80 -1.61 -0.68
C LYS A 13 2.31 -0.23 -1.12
N ALA A 14 1.05 -0.17 -1.50
CA ALA A 14 0.44 1.09 -1.91
C ALA A 14 0.42 2.04 -0.71
N ILE A 15 0.16 1.47 0.45
CA ILE A 15 0.08 2.26 1.67
C ILE A 15 1.47 2.75 2.07
N SER A 16 2.43 1.85 1.96
CA SER A 16 3.81 2.18 2.28
C SER A 16 4.30 3.31 1.37
N TYR A 17 3.98 3.18 0.10
CA TYR A 17 4.42 4.16 -0.89
C TYR A 17 3.71 5.50 -0.67
N ALA A 18 2.46 5.41 -0.25
CA ALA A 18 1.68 6.60 0.03
C ALA A 18 2.30 7.35 1.20
N VAL A 19 2.68 6.60 2.21
CA VAL A 19 3.25 7.19 3.41
C VAL A 19 4.62 7.78 3.08
N LYS A 20 5.39 7.02 2.32
CA LYS A 20 6.75 7.42 2.00
C LYS A 20 6.71 8.68 1.13
N LYS A 21 5.74 8.71 0.22
CA LYS A 21 5.54 9.87 -0.63
C LYS A 21 5.11 11.06 0.22
N ALA A 22 4.09 10.82 1.03
CA ALA A 22 3.32 11.92 1.62
C ALA A 22 3.88 12.23 3.01
N ARG A 23 4.96 11.55 3.35
CA ARG A 23 5.57 11.72 4.66
C ARG A 23 4.52 11.55 5.75
N GLY A 24 3.75 10.47 5.64
CA GLY A 24 2.67 10.21 6.58
C GLY A 24 3.21 9.61 7.88
N LYS A 25 3.93 10.43 8.62
CA LYS A 25 4.53 9.98 9.87
C LYS A 25 3.41 9.82 10.92
N HIS A 26 2.51 10.78 10.93
CA HIS A 26 1.39 10.75 11.86
C HIS A 26 1.92 10.71 13.29
N GLY A 1 -8.02 -1.23 -7.01
CA GLY A 1 -7.82 -2.67 -7.04
C GLY A 1 -8.37 -3.33 -5.77
N LEU A 2 -8.37 -4.65 -5.78
CA LEU A 2 -8.90 -5.42 -4.67
C LEU A 2 -7.80 -5.62 -3.64
N PHE A 3 -8.22 -5.92 -2.41
CA PHE A 3 -7.29 -6.12 -1.32
C PHE A 3 -6.42 -7.36 -1.56
N GLY A 4 -7.05 -8.38 -2.12
CA GLY A 4 -6.35 -9.61 -2.44
C GLY A 4 -5.29 -9.38 -3.51
N LYS A 5 -5.66 -8.57 -4.49
CA LYS A 5 -4.76 -8.30 -5.61
C LYS A 5 -3.58 -7.46 -5.11
N LEU A 6 -3.90 -6.40 -4.38
CA LEU A 6 -2.88 -5.57 -3.77
C LEU A 6 -1.84 -6.47 -3.09
N ILE A 7 -2.34 -7.37 -2.25
CA ILE A 7 -1.46 -8.26 -1.52
C ILE A 7 -0.58 -9.04 -2.50
N LYS A 8 -1.24 -9.75 -3.40
CA LYS A 8 -0.54 -10.58 -4.37
C LYS A 8 0.63 -9.79 -4.96
N LYS A 9 0.31 -8.60 -5.44
CA LYS A 9 1.23 -7.86 -6.28
C LYS A 9 2.38 -7.33 -5.41
N PHE A 10 2.01 -6.69 -4.32
CA PHE A 10 2.93 -5.81 -3.62
C PHE A 10 3.36 -6.41 -2.28
N GLY A 11 2.39 -7.01 -1.61
CA GLY A 11 2.56 -7.37 -0.21
C GLY A 11 2.25 -6.20 0.71
N ARG A 12 1.22 -5.44 0.32
CA ARG A 12 0.78 -4.32 1.13
C ARG A 12 1.88 -3.28 1.24
N LYS A 13 2.77 -3.29 0.26
CA LYS A 13 3.80 -2.26 0.17
C LYS A 13 3.17 -0.97 -0.36
N ALA A 14 2.21 -1.14 -1.27
CA ALA A 14 1.50 0.00 -1.82
C ALA A 14 0.60 0.60 -0.73
N ILE A 15 0.08 -0.28 0.11
CA ILE A 15 -0.80 0.16 1.20
C ILE A 15 0.04 0.88 2.26
N SER A 16 1.19 0.30 2.55
CA SER A 16 2.10 0.89 3.53
C SER A 16 2.53 2.28 3.05
N TYR A 17 2.85 2.36 1.77
CA TYR A 17 3.32 3.60 1.19
C TYR A 17 2.20 4.65 1.16
N ALA A 18 0.98 4.16 0.96
CA ALA A 18 -0.19 5.03 0.94
C ALA A 18 -0.38 5.65 2.32
N VAL A 19 -0.25 4.82 3.34
CA VAL A 19 -0.44 5.27 4.71
C VAL A 19 0.68 6.22 5.09
N LYS A 20 1.90 5.85 4.68
CA LYS A 20 3.06 6.65 5.02
C LYS A 20 2.98 8.01 4.31
N LYS A 21 2.51 7.97 3.07
CA LYS A 21 2.42 9.17 2.27
C LYS A 21 1.32 10.08 2.84
N ALA A 22 0.30 9.43 3.38
CA ALA A 22 -0.85 10.15 3.91
C ALA A 22 -0.61 10.52 5.37
N ARG A 23 0.60 10.20 5.83
CA ARG A 23 1.07 10.72 7.10
C ARG A 23 2.11 11.83 6.87
N GLY A 24 2.90 11.65 5.82
CA GLY A 24 3.93 12.60 5.49
C GLY A 24 4.54 12.30 4.12
N LYS A 25 5.81 11.88 4.16
CA LYS A 25 6.56 11.69 2.94
C LYS A 25 6.41 10.24 2.46
N HIS A 26 7.05 9.34 3.21
CA HIS A 26 7.13 7.96 2.81
C HIS A 26 7.73 7.12 3.94
N GLY A 1 -10.98 -12.77 -7.93
CA GLY A 1 -11.20 -11.34 -8.14
C GLY A 1 -9.87 -10.61 -8.33
N LEU A 2 -9.98 -9.37 -8.80
CA LEU A 2 -8.80 -8.55 -9.03
C LEU A 2 -8.18 -8.17 -7.70
N PHE A 3 -9.03 -8.06 -6.68
CA PHE A 3 -8.58 -7.72 -5.36
C PHE A 3 -7.51 -8.70 -4.88
N GLY A 4 -7.70 -9.96 -5.22
CA GLY A 4 -6.77 -11.00 -4.83
C GLY A 4 -5.37 -10.72 -5.38
N LYS A 5 -5.34 -10.31 -6.64
CA LYS A 5 -4.08 -10.05 -7.31
C LYS A 5 -3.45 -8.80 -6.72
N LEU A 6 -4.24 -7.74 -6.65
CA LEU A 6 -3.79 -6.50 -6.03
C LEU A 6 -3.10 -6.82 -4.72
N ILE A 7 -3.76 -7.64 -3.91
CA ILE A 7 -3.30 -7.91 -2.56
C ILE A 7 -1.98 -8.68 -2.62
N LYS A 8 -1.98 -9.73 -3.43
CA LYS A 8 -0.77 -10.50 -3.66
C LYS A 8 0.40 -9.53 -3.92
N LYS A 9 0.14 -8.55 -4.76
CA LYS A 9 1.20 -7.67 -5.23
C LYS A 9 1.49 -6.61 -4.15
N PHE A 10 0.43 -6.22 -3.46
CA PHE A 10 0.49 -5.06 -2.59
C PHE A 10 -0.29 -5.30 -1.29
N GLY A 11 0.17 -6.28 -0.54
CA GLY A 11 -0.38 -6.54 0.77
C GLY A 11 -0.15 -5.35 1.71
N ARG A 12 -1.05 -4.38 1.61
CA ARG A 12 -0.96 -3.21 2.46
C ARG A 12 0.35 -2.46 2.22
N LYS A 13 0.89 -2.65 1.03
CA LYS A 13 2.08 -1.93 0.63
C LYS A 13 1.70 -0.48 0.29
N ALA A 14 0.56 -0.33 -0.35
CA ALA A 14 0.06 0.99 -0.69
C ALA A 14 -0.23 1.76 0.60
N ILE A 15 -0.71 1.04 1.59
CA ILE A 15 -1.04 1.65 2.86
C ILE A 15 0.24 2.04 3.60
N SER A 16 1.19 1.12 3.59
CA SER A 16 2.47 1.35 4.25
C SER A 16 3.16 2.57 3.63
N TYR A 17 3.08 2.66 2.31
CA TYR A 17 3.70 3.75 1.59
C TYR A 17 2.99 5.07 1.86
N ALA A 18 1.67 4.98 2.03
CA ALA A 18 0.87 6.15 2.32
C ALA A 18 1.24 6.69 3.70
N VAL A 19 1.41 5.76 4.63
CA VAL A 19 1.74 6.13 6.01
C VAL A 19 3.14 6.73 6.04
N LYS A 20 4.06 6.05 5.36
CA LYS A 20 5.44 6.51 5.32
C LYS A 20 5.50 7.90 4.69
N LYS A 21 4.76 8.05 3.61
CA LYS A 21 4.72 9.33 2.91
C LYS A 21 4.22 10.42 3.86
N ALA A 22 3.16 10.09 4.57
CA ALA A 22 2.41 11.10 5.30
C ALA A 22 2.94 11.17 6.74
N ARG A 23 3.99 10.40 6.98
CA ARG A 23 4.76 10.56 8.21
C ARG A 23 5.97 11.45 7.96
N GLY A 24 6.53 11.31 6.76
CA GLY A 24 7.60 12.19 6.33
C GLY A 24 7.04 13.54 5.86
N LYS A 25 5.78 13.51 5.45
CA LYS A 25 5.14 14.71 4.93
C LYS A 25 5.77 15.06 3.57
N HIS A 26 6.31 14.04 2.93
CA HIS A 26 6.88 14.23 1.60
C HIS A 26 6.84 12.89 0.85
N GLY A 1 -11.49 -13.62 -9.07
CA GLY A 1 -10.71 -13.06 -7.99
C GLY A 1 -10.18 -11.67 -8.35
N LEU A 2 -9.69 -10.97 -7.34
CA LEU A 2 -9.22 -9.60 -7.53
C LEU A 2 -8.33 -9.21 -6.34
N PHE A 3 -8.90 -9.34 -5.15
CA PHE A 3 -8.20 -8.92 -3.95
C PHE A 3 -6.85 -9.62 -3.82
N GLY A 4 -6.83 -10.88 -4.24
CA GLY A 4 -5.59 -11.65 -4.21
C GLY A 4 -4.50 -10.97 -5.02
N LYS A 5 -4.88 -10.51 -6.21
CA LYS A 5 -3.93 -9.89 -7.11
C LYS A 5 -3.50 -8.54 -6.55
N LEU A 6 -4.50 -7.74 -6.18
CA LEU A 6 -4.23 -6.46 -5.56
C LEU A 6 -3.16 -6.63 -4.48
N ILE A 7 -3.36 -7.64 -3.65
CA ILE A 7 -2.51 -7.85 -2.49
C ILE A 7 -1.11 -8.23 -2.96
N LYS A 8 -1.06 -9.20 -3.86
CA LYS A 8 0.20 -9.62 -4.45
C LYS A 8 0.99 -8.37 -4.87
N LYS A 9 0.29 -7.45 -5.52
CA LYS A 9 0.95 -6.31 -6.12
C LYS A 9 1.23 -5.26 -5.05
N PHE A 10 0.33 -5.19 -4.08
CA PHE A 10 0.33 -4.09 -3.13
C PHE A 10 -0.02 -4.58 -1.73
N GLY A 11 0.85 -5.43 -1.19
CA GLY A 11 0.72 -5.87 0.19
C GLY A 11 0.88 -4.69 1.15
N ARG A 12 -0.22 -3.97 1.35
CA ARG A 12 -0.22 -2.85 2.26
C ARG A 12 0.78 -1.79 1.81
N LYS A 13 1.04 -1.79 0.51
CA LYS A 13 1.92 -0.80 -0.08
C LYS A 13 1.17 0.53 -0.18
N ALA A 14 -0.09 0.44 -0.54
CA ALA A 14 -0.94 1.62 -0.64
C ALA A 14 -1.07 2.25 0.75
N ILE A 15 -1.16 1.38 1.75
CA ILE A 15 -1.33 1.84 3.12
C ILE A 15 -0.02 2.48 3.61
N SER A 16 1.07 1.80 3.31
CA SER A 16 2.39 2.29 3.72
C SER A 16 2.65 3.67 3.10
N TYR A 17 2.28 3.78 1.83
CA TYR A 17 2.50 5.03 1.10
C TYR A 17 1.60 6.14 1.64
N ALA A 18 0.41 5.75 2.05
CA ALA A 18 -0.54 6.70 2.59
C ALA A 18 -0.01 7.25 3.92
N VAL A 19 0.53 6.35 4.72
CA VAL A 19 1.06 6.73 6.02
C VAL A 19 2.29 7.60 5.85
N LYS A 20 3.16 7.17 4.93
CA LYS A 20 4.40 7.89 4.69
C LYS A 20 4.07 9.28 4.16
N LYS A 21 3.13 9.34 3.23
CA LYS A 21 2.72 10.60 2.64
C LYS A 21 2.27 11.55 3.75
N ALA A 22 1.53 11.00 4.70
CA ALA A 22 0.85 11.81 5.69
C ALA A 22 1.71 11.92 6.94
N ARG A 23 2.91 11.36 6.84
CA ARG A 23 3.83 11.37 7.97
C ARG A 23 5.22 10.92 7.51
N GLY A 24 5.98 11.87 6.99
CA GLY A 24 7.36 11.61 6.61
C GLY A 24 7.43 10.72 5.37
N LYS A 25 7.64 11.37 4.23
CA LYS A 25 7.66 10.67 2.96
C LYS A 25 8.83 9.69 2.95
N HIS A 26 9.85 10.02 3.72
CA HIS A 26 10.95 9.10 3.96
C HIS A 26 10.53 8.08 5.01
N GLY A 1 -8.75 -5.87 -11.64
CA GLY A 1 -8.41 -6.85 -10.62
C GLY A 1 -9.07 -6.50 -9.29
N LEU A 2 -9.04 -7.46 -8.37
CA LEU A 2 -9.63 -7.27 -7.06
C LEU A 2 -8.59 -6.66 -6.12
N PHE A 3 -9.06 -5.75 -5.27
CA PHE A 3 -8.17 -5.06 -4.36
C PHE A 3 -7.44 -6.05 -3.45
N GLY A 4 -8.18 -7.05 -3.01
CA GLY A 4 -7.63 -8.06 -2.12
C GLY A 4 -6.42 -8.76 -2.76
N LYS A 5 -6.60 -9.15 -4.01
CA LYS A 5 -5.58 -9.91 -4.72
C LYS A 5 -4.39 -8.99 -5.01
N LEU A 6 -4.70 -7.84 -5.58
CA LEU A 6 -3.69 -6.83 -5.85
C LEU A 6 -2.80 -6.68 -4.61
N ILE A 7 -3.47 -6.51 -3.47
CA ILE A 7 -2.76 -6.17 -2.24
C ILE A 7 -1.89 -7.35 -1.81
N LYS A 8 -2.51 -8.52 -1.80
CA LYS A 8 -1.78 -9.75 -1.55
C LYS A 8 -0.48 -9.75 -2.37
N LYS A 9 -0.64 -9.41 -3.64
CA LYS A 9 0.47 -9.53 -4.58
C LYS A 9 1.60 -8.60 -4.15
N PHE A 10 1.22 -7.41 -3.72
CA PHE A 10 2.20 -6.42 -3.30
C PHE A 10 2.79 -6.79 -1.93
N GLY A 11 1.96 -7.44 -1.13
CA GLY A 11 2.33 -7.72 0.26
C GLY A 11 2.12 -6.49 1.13
N ARG A 12 1.04 -5.77 0.86
CA ARG A 12 0.71 -4.57 1.62
C ARG A 12 1.85 -3.56 1.53
N LYS A 13 2.56 -3.60 0.41
CA LYS A 13 3.59 -2.62 0.14
C LYS A 13 2.93 -1.30 -0.26
N ALA A 14 1.77 -1.41 -0.88
CA ALA A 14 0.99 -0.24 -1.25
C ALA A 14 0.57 0.50 0.03
N ILE A 15 0.11 -0.27 1.00
CA ILE A 15 -0.34 0.30 2.25
C ILE A 15 0.86 0.92 3.00
N SER A 16 1.95 0.16 3.01
CA SER A 16 3.13 0.60 3.72
C SER A 16 3.63 1.93 3.16
N TYR A 17 3.65 2.01 1.84
CA TYR A 17 4.15 3.19 1.16
C TYR A 17 3.19 4.38 1.35
N ALA A 18 1.91 4.06 1.38
CA ALA A 18 0.89 5.08 1.58
C ALA A 18 1.05 5.70 2.97
N VAL A 19 1.26 4.84 3.95
CA VAL A 19 1.39 5.28 5.32
C VAL A 19 2.68 6.09 5.47
N LYS A 20 3.76 5.54 4.92
CA LYS A 20 5.06 6.16 5.04
C LYS A 20 5.04 7.53 4.37
N LYS A 21 4.40 7.58 3.21
CA LYS A 21 4.30 8.81 2.46
C LYS A 21 3.52 9.84 3.29
N ALA A 22 2.43 9.38 3.87
CA ALA A 22 1.46 10.29 4.49
C ALA A 22 1.83 10.48 5.96
N ARG A 23 2.96 9.91 6.33
CA ARG A 23 3.57 10.22 7.61
C ARG A 23 4.74 11.19 7.43
N GLY A 24 5.44 11.01 6.32
CA GLY A 24 6.63 11.79 6.05
C GLY A 24 6.30 13.07 5.28
N LYS A 25 5.82 12.87 4.06
CA LYS A 25 5.59 14.01 3.16
C LYS A 25 4.20 14.58 3.43
N HIS A 26 3.19 13.75 3.21
CA HIS A 26 1.81 14.18 3.33
C HIS A 26 1.59 15.43 2.49
N GLY A 1 -10.86 -15.36 -9.83
CA GLY A 1 -10.10 -14.78 -8.74
C GLY A 1 -9.95 -13.28 -8.92
N LEU A 2 -9.66 -12.60 -7.81
CA LEU A 2 -9.53 -11.15 -7.82
C LEU A 2 -8.78 -10.70 -6.58
N PHE A 3 -9.31 -11.10 -5.42
CA PHE A 3 -8.75 -10.67 -4.15
C PHE A 3 -7.27 -11.06 -4.05
N GLY A 4 -6.95 -12.22 -4.60
CA GLY A 4 -5.59 -12.71 -4.58
C GLY A 4 -4.65 -11.73 -5.30
N LYS A 5 -5.14 -11.19 -6.41
CA LYS A 5 -4.33 -10.30 -7.22
C LYS A 5 -4.22 -8.94 -6.53
N LEU A 6 -5.38 -8.43 -6.12
CA LEU A 6 -5.41 -7.20 -5.34
C LEU A 6 -4.35 -7.26 -4.25
N ILE A 7 -4.35 -8.39 -3.53
CA ILE A 7 -3.48 -8.53 -2.38
C ILE A 7 -2.03 -8.56 -2.84
N LYS A 8 -1.77 -9.38 -3.85
CA LYS A 8 -0.45 -9.43 -4.47
C LYS A 8 0.06 -8.00 -4.70
N LYS A 9 -0.82 -7.18 -5.25
CA LYS A 9 -0.42 -5.86 -5.71
C LYS A 9 -0.31 -4.91 -4.51
N PHE A 10 -1.24 -5.11 -3.57
CA PHE A 10 -1.41 -4.15 -2.49
C PHE A 10 -1.54 -4.86 -1.14
N GLY A 11 -0.54 -5.69 -0.85
CA GLY A 11 -0.44 -6.29 0.46
C GLY A 11 -0.37 -5.22 1.56
N ARG A 12 0.44 -4.21 1.30
CA ARG A 12 0.44 -3.02 2.14
C ARG A 12 1.16 -1.87 1.42
N LYS A 13 1.10 -1.90 0.11
CA LYS A 13 1.85 -0.96 -0.70
C LYS A 13 1.17 0.41 -0.65
N ALA A 14 -0.13 0.40 -0.92
CA ALA A 14 -0.89 1.63 -0.98
C ALA A 14 -0.91 2.28 0.41
N ILE A 15 -0.94 1.44 1.42
CA ILE A 15 -1.02 1.90 2.80
C ILE A 15 0.33 2.50 3.21
N SER A 16 1.38 1.79 2.84
CA SER A 16 2.73 2.25 3.12
C SER A 16 2.97 3.59 2.44
N TYR A 17 2.52 3.68 1.20
CA TYR A 17 2.72 4.90 0.42
C TYR A 17 1.89 6.05 0.99
N ALA A 18 0.72 5.71 1.51
CA ALA A 18 -0.16 6.70 2.09
C ALA A 18 0.49 7.29 3.34
N VAL A 19 1.12 6.41 4.11
CA VAL A 19 1.78 6.83 5.34
C VAL A 19 3.02 7.66 4.99
N LYS A 20 3.78 7.16 4.04
CA LYS A 20 5.05 7.76 3.69
C LYS A 20 4.80 9.13 3.05
N LYS A 21 3.70 9.21 2.32
CA LYS A 21 3.29 10.47 1.73
C LYS A 21 3.03 11.49 2.84
N ALA A 22 2.45 11.00 3.94
CA ALA A 22 2.01 11.87 5.00
C ALA A 22 3.11 11.98 6.06
N ARG A 23 4.24 11.37 5.76
CA ARG A 23 5.39 11.43 6.65
C ARG A 23 6.68 11.56 5.84
N GLY A 24 6.86 12.72 5.24
CA GLY A 24 8.08 13.01 4.51
C GLY A 24 9.24 13.30 5.45
N LYS A 25 8.98 14.19 6.40
CA LYS A 25 10.00 14.57 7.37
C LYS A 25 10.07 13.52 8.48
N HIS A 26 8.89 13.01 8.83
CA HIS A 26 8.78 12.06 9.93
C HIS A 26 9.20 10.67 9.45
N GLY A 1 -9.01 -15.04 -8.11
CA GLY A 1 -9.87 -13.86 -8.09
C GLY A 1 -9.06 -12.58 -8.22
N LEU A 2 -9.77 -11.49 -8.43
CA LEU A 2 -9.12 -10.19 -8.60
C LEU A 2 -8.49 -9.78 -7.27
N PHE A 3 -9.12 -10.21 -6.18
CA PHE A 3 -8.62 -9.91 -4.85
C PHE A 3 -7.18 -10.38 -4.69
N GLY A 4 -6.89 -11.53 -5.28
CA GLY A 4 -5.57 -12.12 -5.19
C GLY A 4 -4.52 -11.20 -5.84
N LYS A 5 -4.92 -10.59 -6.94
CA LYS A 5 -4.02 -9.71 -7.67
C LYS A 5 -3.84 -8.41 -6.88
N LEU A 6 -4.97 -7.81 -6.52
CA LEU A 6 -4.96 -6.61 -5.70
C LEU A 6 -3.98 -6.81 -4.54
N ILE A 7 -4.10 -7.96 -3.89
CA ILE A 7 -3.33 -8.24 -2.70
C ILE A 7 -1.84 -8.34 -3.08
N LYS A 8 -1.59 -9.14 -4.11
CA LYS A 8 -0.24 -9.26 -4.64
C LYS A 8 0.39 -7.88 -4.77
N LYS A 9 -0.38 -6.97 -5.36
CA LYS A 9 0.16 -5.67 -5.73
C LYS A 9 0.24 -4.79 -4.48
N PHE A 10 -0.76 -4.92 -3.62
CA PHE A 10 -0.97 -3.98 -2.55
C PHE A 10 -1.31 -4.69 -1.24
N GLY A 11 -0.43 -5.60 -0.85
CA GLY A 11 -0.57 -6.26 0.43
C GLY A 11 -0.62 -5.25 1.57
N ARG A 12 0.25 -4.26 1.49
CA ARG A 12 0.19 -3.11 2.39
C ARG A 12 1.04 -1.97 1.85
N LYS A 13 1.12 -1.90 0.53
CA LYS A 13 1.98 -0.92 -0.12
C LYS A 13 1.31 0.45 -0.06
N ALA A 14 0.05 0.48 -0.45
CA ALA A 14 -0.69 1.73 -0.50
C ALA A 14 -0.82 2.31 0.90
N ILE A 15 -0.98 1.40 1.87
CA ILE A 15 -1.18 1.81 3.25
C ILE A 15 0.14 2.34 3.82
N SER A 16 1.22 1.62 3.52
CA SER A 16 2.54 2.02 3.95
C SER A 16 2.88 3.39 3.37
N TYR A 17 2.52 3.57 2.11
CA TYR A 17 2.82 4.82 1.42
C TYR A 17 1.95 5.96 1.96
N ALA A 18 0.74 5.60 2.37
CA ALA A 18 -0.19 6.57 2.91
C ALA A 18 0.35 7.07 4.26
N VAL A 19 0.83 6.13 5.06
CA VAL A 19 1.36 6.46 6.37
C VAL A 19 2.66 7.28 6.21
N LYS A 20 3.49 6.81 5.28
CA LYS A 20 4.74 7.51 5.00
C LYS A 20 4.43 8.94 4.57
N LYS A 21 3.48 9.06 3.66
CA LYS A 21 3.11 10.37 3.12
C LYS A 21 2.70 11.28 4.28
N ALA A 22 1.98 10.71 5.23
CA ALA A 22 1.34 11.50 6.26
C ALA A 22 2.27 11.59 7.47
N ARG A 23 3.48 11.05 7.30
CA ARG A 23 4.49 11.14 8.34
C ARG A 23 5.86 11.38 7.71
N GLY A 24 5.94 12.43 6.91
CA GLY A 24 7.20 12.83 6.31
C GLY A 24 7.49 12.01 5.05
N LYS A 25 7.52 12.70 3.92
CA LYS A 25 7.71 12.05 2.65
C LYS A 25 9.14 11.47 2.59
N HIS A 26 10.00 12.05 3.40
CA HIS A 26 11.39 11.58 3.47
C HIS A 26 11.53 10.59 4.62
N GLY A 1 -9.84 -6.86 -11.24
CA GLY A 1 -9.08 -7.94 -10.62
C GLY A 1 -9.76 -8.41 -9.33
N LEU A 2 -9.24 -9.50 -8.79
CA LEU A 2 -9.79 -10.07 -7.57
C LEU A 2 -9.07 -9.49 -6.37
N PHE A 3 -9.78 -9.44 -5.25
CA PHE A 3 -9.20 -8.93 -4.02
C PHE A 3 -8.01 -9.79 -3.58
N GLY A 4 -8.15 -11.09 -3.77
CA GLY A 4 -7.11 -12.03 -3.38
C GLY A 4 -5.81 -11.75 -4.14
N LYS A 5 -5.97 -11.45 -5.43
CA LYS A 5 -4.83 -11.21 -6.29
C LYS A 5 -4.21 -9.85 -5.94
N LEU A 6 -5.07 -8.84 -5.89
CA LEU A 6 -4.65 -7.52 -5.46
C LEU A 6 -3.78 -7.64 -4.21
N ILE A 7 -4.29 -8.39 -3.25
CA ILE A 7 -3.64 -8.49 -1.95
C ILE A 7 -2.30 -9.22 -2.11
N LYS A 8 -2.34 -10.31 -2.85
CA LYS A 8 -1.13 -11.05 -3.17
C LYS A 8 -0.04 -10.05 -3.61
N LYS A 9 -0.42 -9.17 -4.51
CA LYS A 9 0.53 -8.28 -5.15
C LYS A 9 0.83 -7.11 -4.21
N PHE A 10 -0.18 -6.72 -3.46
CA PHE A 10 -0.11 -5.48 -2.70
C PHE A 10 -0.74 -5.65 -1.31
N GLY A 11 -0.11 -6.51 -0.53
CA GLY A 11 -0.48 -6.65 0.88
C GLY A 11 -0.16 -5.37 1.65
N ARG A 12 -1.07 -4.40 1.52
CA ARG A 12 -0.89 -3.12 2.19
C ARG A 12 0.42 -2.47 1.76
N LYS A 13 0.85 -2.79 0.55
CA LYS A 13 2.03 -2.18 -0.02
C LYS A 13 1.71 -0.74 -0.45
N ALA A 14 0.50 -0.57 -0.97
CA ALA A 14 0.04 0.74 -1.40
C ALA A 14 -0.04 1.65 -0.17
N ILE A 15 -0.49 1.07 0.93
CA ILE A 15 -0.64 1.83 2.17
C ILE A 15 0.73 2.15 2.75
N SER A 16 1.59 1.14 2.74
CA SER A 16 2.94 1.31 3.26
C SER A 16 3.66 2.42 2.50
N TYR A 17 3.49 2.41 1.19
CA TYR A 17 4.15 3.39 0.35
C TYR A 17 3.56 4.78 0.57
N ALA A 18 2.26 4.81 0.82
CA ALA A 18 1.57 6.06 1.06
C ALA A 18 2.09 6.69 2.35
N VAL A 19 2.33 5.83 3.34
CA VAL A 19 2.75 6.30 4.64
C VAL A 19 4.22 6.72 4.57
N LYS A 20 4.99 5.96 3.80
CA LYS A 20 6.41 6.24 3.65
C LYS A 20 6.59 7.51 2.82
N LYS A 21 5.67 7.70 1.89
CA LYS A 21 5.72 8.86 1.02
C LYS A 21 5.32 10.10 1.83
N ALA A 22 4.67 9.85 2.95
CA ALA A 22 4.10 10.93 3.74
C ALA A 22 4.43 10.71 5.22
N ARG A 23 5.65 10.26 5.45
CA ARG A 23 6.13 10.07 6.81
C ARG A 23 6.52 11.41 7.44
N GLY A 24 7.05 12.30 6.60
CA GLY A 24 7.42 13.62 7.06
C GLY A 24 6.58 14.70 6.37
N LYS A 25 5.27 14.54 6.49
CA LYS A 25 4.34 15.51 5.90
C LYS A 25 4.00 16.58 6.93
N HIS A 26 4.44 16.34 8.16
CA HIS A 26 4.22 17.29 9.23
C HIS A 26 2.72 17.48 9.44
N GLY A 1 -10.52 -14.41 -10.81
CA GLY A 1 -9.93 -13.87 -9.59
C GLY A 1 -9.70 -12.36 -9.73
N LEU A 2 -9.51 -11.72 -8.58
CA LEU A 2 -9.31 -10.29 -8.54
C LEU A 2 -8.68 -9.90 -7.20
N PHE A 3 -9.38 -10.26 -6.13
CA PHE A 3 -8.93 -9.91 -4.80
C PHE A 3 -7.52 -10.45 -4.54
N GLY A 4 -7.26 -11.64 -5.06
CA GLY A 4 -5.95 -12.26 -4.92
C GLY A 4 -4.86 -11.35 -5.48
N LYS A 5 -5.14 -10.80 -6.65
CA LYS A 5 -4.17 -9.96 -7.34
C LYS A 5 -4.01 -8.65 -6.58
N LEU A 6 -5.14 -8.01 -6.30
CA LEU A 6 -5.13 -6.80 -5.51
C LEU A 6 -4.23 -6.97 -4.30
N ILE A 7 -4.42 -8.09 -3.62
CA ILE A 7 -3.70 -8.34 -2.37
C ILE A 7 -2.20 -8.48 -2.65
N LYS A 8 -1.90 -9.34 -3.61
CA LYS A 8 -0.53 -9.52 -4.04
C LYS A 8 0.13 -8.15 -4.23
N LYS A 9 -0.60 -7.28 -4.90
CA LYS A 9 -0.03 -6.01 -5.33
C LYS A 9 0.03 -5.05 -4.14
N PHE A 10 -1.00 -5.12 -3.31
CA PHE A 10 -1.22 -4.11 -2.29
C PHE A 10 -1.64 -4.73 -0.96
N GLY A 11 -0.82 -5.66 -0.50
CA GLY A 11 -1.00 -6.23 0.82
C GLY A 11 -0.99 -5.14 1.90
N ARG A 12 -0.03 -4.24 1.76
CA ARG A 12 -0.01 -3.04 2.58
C ARG A 12 0.95 -2.00 1.98
N LYS A 13 1.07 -2.05 0.66
CA LYS A 13 2.02 -1.20 -0.04
C LYS A 13 1.49 0.23 -0.08
N ALA A 14 0.24 0.35 -0.51
CA ALA A 14 -0.37 1.66 -0.66
C ALA A 14 -0.48 2.34 0.70
N ILE A 15 -0.74 1.53 1.71
CA ILE A 15 -0.93 2.05 3.06
C ILE A 15 0.42 2.50 3.62
N SER A 16 1.42 1.65 3.42
CA SER A 16 2.77 1.95 3.87
C SER A 16 3.26 3.24 3.20
N TYR A 17 2.98 3.35 1.91
CA TYR A 17 3.42 4.52 1.16
C TYR A 17 2.68 5.78 1.60
N ALA A 18 1.41 5.59 1.96
CA ALA A 18 0.59 6.69 2.40
C ALA A 18 1.13 7.23 3.73
N VAL A 19 1.49 6.31 4.61
CA VAL A 19 1.97 6.67 5.93
C VAL A 19 3.37 7.28 5.81
N LYS A 20 4.17 6.69 4.93
CA LYS A 20 5.52 7.15 4.71
C LYS A 20 5.47 8.56 4.12
N LYS A 21 4.54 8.76 3.21
CA LYS A 21 4.33 10.06 2.59
C LYS A 21 3.98 11.07 3.68
N ALA A 22 2.99 10.71 4.48
CA ALA A 22 2.36 11.68 5.37
C ALA A 22 3.07 11.65 6.73
N ARG A 23 4.14 10.87 6.79
CA ARG A 23 4.99 10.85 7.96
C ARG A 23 6.35 10.22 7.63
N GLY A 24 7.18 11.02 6.98
CA GLY A 24 8.47 10.53 6.53
C GLY A 24 9.04 11.42 5.42
N LYS A 25 8.27 11.55 4.35
CA LYS A 25 8.56 12.53 3.33
C LYS A 25 8.07 13.91 3.80
N HIS A 26 6.85 13.92 4.33
CA HIS A 26 6.33 15.10 4.97
C HIS A 26 6.50 14.97 6.49
N GLY A 1 -11.48 -7.85 -8.83
CA GLY A 1 -10.27 -8.64 -8.73
C GLY A 1 -10.28 -9.52 -7.47
N LEU A 2 -9.32 -10.42 -7.41
CA LEU A 2 -9.22 -11.33 -6.28
C LEU A 2 -8.34 -10.70 -5.20
N PHE A 3 -8.64 -11.05 -3.96
CA PHE A 3 -7.87 -10.55 -2.83
C PHE A 3 -6.41 -10.98 -2.93
N GLY A 4 -6.22 -12.21 -3.36
CA GLY A 4 -4.88 -12.76 -3.50
C GLY A 4 -4.04 -11.91 -4.47
N LYS A 5 -4.65 -11.58 -5.59
CA LYS A 5 -3.98 -10.83 -6.63
C LYS A 5 -3.71 -9.41 -6.13
N LEU A 6 -4.77 -8.79 -5.64
CA LEU A 6 -4.66 -7.45 -5.06
C LEU A 6 -3.44 -7.42 -4.13
N ILE A 7 -3.36 -8.41 -3.27
CA ILE A 7 -2.34 -8.43 -2.23
C ILE A 7 -0.96 -8.57 -2.88
N LYS A 8 -0.85 -9.55 -3.76
CA LYS A 8 0.37 -9.74 -4.52
C LYS A 8 0.86 -8.39 -5.04
N LYS A 9 -0.07 -7.64 -5.60
CA LYS A 9 0.28 -6.41 -6.29
C LYS A 9 0.52 -5.30 -5.26
N PHE A 10 -0.26 -5.35 -4.19
CA PHE A 10 -0.32 -4.24 -3.26
C PHE A 10 -0.38 -4.75 -1.81
N GLY A 11 0.69 -5.43 -1.41
CA GLY A 11 0.84 -5.82 -0.02
C GLY A 11 1.04 -4.59 0.87
N ARG A 12 -0.06 -3.92 1.16
CA ARG A 12 -0.03 -2.72 1.97
C ARG A 12 0.89 -1.68 1.34
N LYS A 13 0.97 -1.74 0.02
CA LYS A 13 1.73 -0.75 -0.73
C LYS A 13 0.94 0.56 -0.79
N ALA A 14 -0.37 0.42 -0.96
CA ALA A 14 -1.25 1.58 -0.99
C ALA A 14 -1.20 2.28 0.36
N ILE A 15 -1.12 1.48 1.42
CA ILE A 15 -1.10 2.02 2.77
C ILE A 15 0.25 2.70 3.02
N SER A 16 1.31 2.01 2.62
CA SER A 16 2.65 2.52 2.81
C SER A 16 2.80 3.87 2.09
N TYR A 17 2.26 3.93 0.89
CA TYR A 17 2.36 5.12 0.07
C TYR A 17 1.51 6.26 0.66
N ALA A 18 0.39 5.87 1.23
CA ALA A 18 -0.50 6.84 1.85
C ALA A 18 0.19 7.47 3.06
N VAL A 19 0.86 6.63 3.83
CA VAL A 19 1.54 7.08 5.03
C VAL A 19 2.74 7.94 4.64
N LYS A 20 3.47 7.46 3.65
CA LYS A 20 4.65 8.17 3.18
C LYS A 20 4.24 9.55 2.65
N LYS A 21 3.15 9.55 1.90
CA LYS A 21 2.66 10.78 1.31
C LYS A 21 2.27 11.77 2.42
N ALA A 22 1.59 11.24 3.42
CA ALA A 22 0.96 12.08 4.43
C ALA A 22 1.90 12.22 5.62
N ARG A 23 3.09 11.67 5.48
CA ARG A 23 4.08 11.74 6.54
C ARG A 23 5.44 11.24 6.03
N GLY A 24 6.20 12.18 5.48
CA GLY A 24 7.49 11.84 4.89
C GLY A 24 8.52 11.52 5.98
N LYS A 25 8.15 11.85 7.21
CA LYS A 25 9.00 11.56 8.35
C LYS A 25 9.03 10.05 8.58
N HIS A 26 7.98 9.39 8.14
CA HIS A 26 7.85 7.95 8.34
C HIS A 26 8.80 7.21 7.38
N GLY A 1 -11.27 -7.42 -8.97
CA GLY A 1 -10.12 -8.29 -8.82
C GLY A 1 -10.23 -9.10 -7.52
N LEU A 2 -9.32 -10.06 -7.38
CA LEU A 2 -9.32 -10.91 -6.21
C LEU A 2 -8.40 -10.29 -5.14
N PHE A 3 -8.74 -10.58 -3.89
CA PHE A 3 -7.96 -10.08 -2.77
C PHE A 3 -6.52 -10.62 -2.83
N GLY A 4 -6.41 -11.88 -3.22
CA GLY A 4 -5.12 -12.53 -3.31
C GLY A 4 -4.22 -11.79 -4.31
N LYS A 5 -4.80 -11.46 -5.45
CA LYS A 5 -4.05 -10.80 -6.51
C LYS A 5 -3.69 -9.38 -6.06
N LEU A 6 -4.70 -8.66 -5.60
CA LEU A 6 -4.50 -7.32 -5.07
C LEU A 6 -3.29 -7.34 -4.13
N ILE A 7 -3.29 -8.30 -3.23
CA ILE A 7 -2.28 -8.36 -2.18
C ILE A 7 -0.91 -8.62 -2.81
N LYS A 8 -0.87 -9.64 -3.66
CA LYS A 8 0.35 -9.95 -4.40
C LYS A 8 0.94 -8.66 -4.96
N LYS A 9 0.07 -7.86 -5.56
CA LYS A 9 0.51 -6.68 -6.28
C LYS A 9 0.82 -5.56 -5.29
N PHE A 10 0.04 -5.53 -4.22
CA PHE A 10 0.04 -4.38 -3.32
C PHE A 10 -0.07 -4.84 -1.86
N GLY A 11 0.94 -5.57 -1.42
CA GLY A 11 1.04 -5.94 -0.02
C GLY A 11 1.22 -4.70 0.87
N ARG A 12 0.10 -4.04 1.15
CA ARG A 12 0.13 -2.85 1.99
C ARG A 12 1.01 -1.78 1.35
N LYS A 13 1.12 -1.84 0.04
CA LYS A 13 1.85 -0.83 -0.71
C LYS A 13 1.02 0.46 -0.78
N ALA A 14 -0.28 0.27 -0.95
CA ALA A 14 -1.20 1.39 -0.98
C ALA A 14 -1.18 2.11 0.37
N ILE A 15 -1.05 1.31 1.42
CA ILE A 15 -1.04 1.85 2.78
C ILE A 15 0.29 2.56 3.02
N SER A 16 1.36 1.92 2.60
CA SER A 16 2.69 2.47 2.77
C SER A 16 2.79 3.82 2.05
N TYR A 17 2.21 3.86 0.86
CA TYR A 17 2.24 5.07 0.06
C TYR A 17 1.38 6.16 0.69
N ALA A 18 0.29 5.74 1.30
CA ALA A 18 -0.62 6.67 1.94
C ALA A 18 0.09 7.32 3.14
N VAL A 19 0.81 6.49 3.88
CA VAL A 19 1.51 6.96 5.06
C VAL A 19 2.68 7.86 4.64
N LYS A 20 3.39 7.42 3.62
CA LYS A 20 4.52 8.18 3.12
C LYS A 20 4.03 9.54 2.61
N LYS A 21 2.91 9.51 1.91
CA LYS A 21 2.34 10.73 1.37
C LYS A 21 1.98 11.69 2.50
N ALA A 22 1.37 11.12 3.53
CA ALA A 22 0.75 11.93 4.57
C ALA A 22 1.74 12.10 5.72
N ARG A 23 2.94 11.58 5.52
CA ARG A 23 3.98 11.67 6.53
C ARG A 23 5.32 11.23 5.95
N GLY A 24 6.03 12.20 5.38
CA GLY A 24 7.30 11.92 4.75
C GLY A 24 8.38 11.62 5.78
N LYS A 25 8.06 11.92 7.03
CA LYS A 25 8.97 11.64 8.12
C LYS A 25 9.07 10.13 8.34
N HIS A 26 8.03 9.43 7.90
CA HIS A 26 7.97 7.99 8.07
C HIS A 26 8.93 7.32 7.10
N GLY A 1 -9.40 -6.33 -11.10
CA GLY A 1 -8.92 -7.35 -10.18
C GLY A 1 -9.52 -7.16 -8.78
N LEU A 2 -9.35 -8.19 -7.96
CA LEU A 2 -9.87 -8.14 -6.60
C LEU A 2 -8.84 -7.49 -5.68
N PHE A 3 -9.33 -6.69 -4.75
CA PHE A 3 -8.46 -5.96 -3.85
C PHE A 3 -7.60 -6.92 -3.02
N GLY A 4 -8.22 -8.02 -2.62
CA GLY A 4 -7.53 -9.01 -1.83
C GLY A 4 -6.30 -9.56 -2.57
N LYS A 5 -6.52 -9.91 -3.82
CA LYS A 5 -5.48 -10.52 -4.63
C LYS A 5 -4.39 -9.48 -4.92
N LEU A 6 -4.84 -8.32 -5.38
CA LEU A 6 -3.93 -7.21 -5.61
C LEU A 6 -3.00 -7.06 -4.40
N ILE A 7 -3.61 -6.97 -3.23
CA ILE A 7 -2.87 -6.65 -2.02
C ILE A 7 -1.86 -7.76 -1.73
N LYS A 8 -2.36 -9.00 -1.78
CA LYS A 8 -1.50 -10.16 -1.65
C LYS A 8 -0.26 -9.97 -2.52
N LYS A 9 -0.51 -9.60 -3.77
CA LYS A 9 0.55 -9.57 -4.78
C LYS A 9 1.54 -8.46 -4.43
N PHE A 10 1.00 -7.34 -3.96
CA PHE A 10 1.83 -6.21 -3.59
C PHE A 10 2.60 -6.49 -2.30
N GLY A 11 2.02 -7.36 -1.48
CA GLY A 11 2.62 -7.71 -0.21
C GLY A 11 2.33 -6.66 0.85
N ARG A 12 2.93 -5.49 0.67
CA ARG A 12 2.63 -4.35 1.51
C ARG A 12 3.15 -3.06 0.87
N LYS A 13 3.16 -3.06 -0.46
CA LYS A 13 3.64 -1.90 -1.19
C LYS A 13 2.60 -0.79 -1.13
N ALA A 14 1.37 -1.14 -1.46
CA ALA A 14 0.29 -0.17 -1.56
C ALA A 14 0.02 0.41 -0.16
N ILE A 15 0.11 -0.46 0.84
CA ILE A 15 -0.18 -0.07 2.20
C ILE A 15 0.93 0.86 2.72
N SER A 16 2.16 0.45 2.45
CA SER A 16 3.32 1.23 2.87
C SER A 16 3.28 2.61 2.22
N TYR A 17 2.94 2.62 0.94
CA TYR A 17 2.90 3.87 0.20
C TYR A 17 1.77 4.77 0.70
N ALA A 18 0.68 4.13 1.10
CA ALA A 18 -0.47 4.86 1.60
C ALA A 18 -0.11 5.53 2.93
N VAL A 19 0.53 4.76 3.79
CA VAL A 19 0.89 5.23 5.11
C VAL A 19 1.98 6.30 4.99
N LYS A 20 2.91 6.05 4.07
CA LYS A 20 4.05 6.94 3.89
C LYS A 20 3.56 8.31 3.41
N LYS A 21 2.66 8.26 2.43
CA LYS A 21 2.15 9.49 1.83
C LYS A 21 1.28 10.22 2.85
N ALA A 22 0.69 9.45 3.75
CA ALA A 22 -0.23 9.99 4.73
C ALA A 22 0.52 10.29 6.02
N ARG A 23 1.84 10.09 5.96
CA ARG A 23 2.68 10.36 7.12
C ARG A 23 4.15 10.38 6.69
N GLY A 24 4.56 11.54 6.17
CA GLY A 24 5.92 11.70 5.70
C GLY A 24 6.13 13.07 5.04
N LYS A 25 5.99 14.10 5.85
CA LYS A 25 6.17 15.46 5.35
C LYS A 25 7.67 15.73 5.16
N HIS A 26 8.43 15.38 6.18
CA HIS A 26 9.87 15.62 6.16
C HIS A 26 10.61 14.34 5.79
N GLY A 1 -10.90 -15.19 -9.97
CA GLY A 1 -10.19 -14.64 -8.83
C GLY A 1 -10.02 -13.12 -8.97
N LEU A 2 -9.71 -12.48 -7.85
CA LEU A 2 -9.57 -11.04 -7.84
C LEU A 2 -8.80 -10.62 -6.58
N PHE A 3 -9.32 -11.05 -5.43
CA PHE A 3 -8.74 -10.68 -4.16
C PHE A 3 -7.26 -11.08 -4.09
N GLY A 4 -6.97 -12.23 -4.68
CA GLY A 4 -5.60 -12.73 -4.73
C GLY A 4 -4.68 -11.72 -5.41
N LYS A 5 -5.15 -11.18 -6.52
CA LYS A 5 -4.35 -10.25 -7.30
C LYS A 5 -4.21 -8.93 -6.54
N LEU A 6 -5.35 -8.41 -6.09
CA LEU A 6 -5.35 -7.21 -5.29
C LEU A 6 -4.28 -7.32 -4.21
N ILE A 7 -4.28 -8.46 -3.53
CA ILE A 7 -3.40 -8.65 -2.39
C ILE A 7 -1.94 -8.65 -2.88
N LYS A 8 -1.69 -9.47 -3.88
CA LYS A 8 -0.37 -9.53 -4.48
C LYS A 8 0.14 -8.11 -4.72
N LYS A 9 -0.73 -7.28 -5.28
CA LYS A 9 -0.33 -5.97 -5.76
C LYS A 9 -0.22 -5.02 -4.57
N PHE A 10 -1.13 -5.19 -3.62
CA PHE A 10 -1.31 -4.20 -2.58
C PHE A 10 -1.50 -4.87 -1.21
N GLY A 11 -0.54 -5.72 -0.87
CA GLY A 11 -0.51 -6.32 0.45
C GLY A 11 -0.46 -5.24 1.54
N ARG A 12 0.37 -4.24 1.29
CA ARG A 12 0.39 -3.07 2.14
C ARG A 12 1.14 -1.93 1.45
N LYS A 13 1.06 -1.93 0.13
CA LYS A 13 1.79 -0.96 -0.67
C LYS A 13 1.09 0.41 -0.58
N ALA A 14 -0.21 0.38 -0.80
CA ALA A 14 -0.99 1.60 -0.83
C ALA A 14 -0.97 2.24 0.55
N ILE A 15 -0.99 1.39 1.56
CA ILE A 15 -1.04 1.87 2.94
C ILE A 15 0.33 2.46 3.32
N SER A 16 1.37 1.75 2.94
CA SER A 16 2.73 2.20 3.20
C SER A 16 2.96 3.56 2.51
N TYR A 17 2.47 3.66 1.28
CA TYR A 17 2.64 4.88 0.51
C TYR A 17 1.83 6.02 1.10
N ALA A 18 0.67 5.68 1.65
CA ALA A 18 -0.20 6.66 2.25
C ALA A 18 0.49 7.24 3.50
N VAL A 19 1.14 6.36 4.24
CA VAL A 19 1.82 6.77 5.45
C VAL A 19 3.05 7.60 5.09
N LYS A 20 3.78 7.11 4.10
CA LYS A 20 5.03 7.74 3.72
C LYS A 20 4.75 9.11 3.10
N LYS A 21 3.63 9.20 2.41
CA LYS A 21 3.19 10.45 1.82
C LYS A 21 2.95 11.46 2.95
N ALA A 22 2.43 10.96 4.06
CA ALA A 22 2.03 11.82 5.15
C ALA A 22 3.18 11.93 6.16
N ARG A 23 4.30 11.34 5.79
CA ARG A 23 5.49 11.41 6.62
C ARG A 23 6.74 11.59 5.76
N GLY A 24 6.84 12.77 5.16
CA GLY A 24 8.01 13.10 4.36
C GLY A 24 9.19 13.47 5.26
N LYS A 25 8.92 14.36 6.20
CA LYS A 25 9.95 14.81 7.12
C LYS A 25 10.10 13.79 8.24
N HIS A 26 8.99 13.17 8.60
CA HIS A 26 8.96 12.26 9.73
C HIS A 26 9.44 10.88 9.30
#